data_2EH8
#
_entry.id   2EH8
#
_cell.length_a   95.340
_cell.length_b   61.270
_cell.length_c   83.540
_cell.angle_alpha   90.00
_cell.angle_beta   93.25
_cell.angle_gamma   90.00
#
_symmetry.space_group_name_H-M   'C 1 2 1'
#
loop_
_entity.id
_entity.type
_entity.pdbx_description
1 polymer 'HUMANIZED KR127 FAB, LIGHT CHAIN'
2 polymer 'HUMANIZED KR127 FAB, HEAVY CHAIN'
3 polymer 'PreS1/PreS2/surface protein'
4 water water
#
loop_
_entity_poly.entity_id
_entity_poly.type
_entity_poly.pdbx_seq_one_letter_code
_entity_poly.pdbx_strand_id
1 'polypeptide(L)'
;DIQMTQTPLSLSVTPGQPASISCKSSQSLLYSNGKTYLNWLLQKPGQSPKRLIYLVSKLDSGVPDRFSGSGSGTDFTLKI
SRVEAEDVGVYYCVQGTHFPQTFGGGTKVEIKRTVAAPSVFIFPPSDEQLKSGTASVVCLLNNFYPREAKVQWKVDNALQ
SGNSQESVTEQDSKDSTYSLSSTLTLSKADYEKHKVYACEVTHQGLSSPVTKSFNRGE
;
L
2 'polypeptide(L)'
;QVQLVQSGAEVVKPGASVKVSCKASGYAFSSSWMNWVRQAPGQGLEWIGRIYPGDGDTNYAQKFQGKATLTADKSTSTAY
MELSSLRSEDTAVYFCAREYDEAYWGQGTLVTVSSASTKGPSVFPLAPSSKSTSGGTAALGCLVKDYFPEPVTVSWNSGA
LTSGVHTFPAVLQSSGLYSLSSVVTVPSSSLGTQTYICNVNHKPSNTKVDKKVEPKSC
;
H
3 'polypeptide(L)' ANSNNPDWDFN P
#
# COMPACT_ATOMS: atom_id res chain seq x y z
N ASP A 1 8.50 -21.66 -18.43
CA ASP A 1 8.47 -20.20 -18.12
C ASP A 1 9.83 -19.71 -17.66
N ILE A 2 10.31 -18.64 -18.29
CA ILE A 2 11.60 -18.09 -17.92
C ILE A 2 11.50 -17.54 -16.50
N GLN A 3 12.26 -18.15 -15.59
CA GLN A 3 12.27 -17.73 -14.20
C GLN A 3 13.29 -16.60 -14.00
N MET A 4 12.91 -15.63 -13.18
CA MET A 4 13.74 -14.47 -12.91
C MET A 4 13.97 -14.29 -11.41
N THR A 5 15.23 -14.29 -10.99
CA THR A 5 15.53 -14.13 -9.57
C THR A 5 16.32 -12.84 -9.34
N GLN A 6 15.96 -12.11 -8.27
CA GLN A 6 16.63 -10.85 -7.95
C GLN A 6 17.47 -10.98 -6.70
N THR A 7 18.42 -10.06 -6.57
CA THR A 7 19.29 -10.04 -5.41
C THR A 7 19.83 -8.63 -5.17
N PRO A 8 19.79 -8.18 -3.92
CA PRO A 8 19.28 -8.92 -2.76
C PRO A 8 17.76 -8.80 -2.66
N LEU A 9 17.19 -9.24 -1.54
CA LEU A 9 15.76 -9.14 -1.35
C LEU A 9 15.47 -7.79 -0.72
N SER A 10 16.43 -7.34 0.08
CA SER A 10 16.32 -6.06 0.78
C SER A 10 17.62 -5.28 0.68
N LEU A 11 17.53 -3.97 0.79
CA LEU A 11 18.72 -3.14 0.70
C LEU A 11 18.56 -1.87 1.54
N SER A 12 19.54 -1.63 2.42
CA SER A 12 19.50 -0.45 3.27
C SER A 12 20.74 0.40 2.97
N VAL A 13 20.53 1.62 2.47
CA VAL A 13 21.66 2.49 2.14
C VAL A 13 21.51 3.96 2.58
N THR A 14 22.60 4.55 3.04
CA THR A 14 22.57 5.95 3.45
C THR A 14 22.39 6.84 2.21
N PRO A 15 21.69 7.97 2.36
CA PRO A 15 21.46 8.91 1.24
C PRO A 15 22.75 9.29 0.52
N GLY A 16 22.69 9.45 -0.80
CA GLY A 16 23.86 9.84 -1.55
C GLY A 16 24.83 8.71 -1.88
N GLN A 17 24.59 7.53 -1.32
CA GLN A 17 25.41 6.37 -1.59
C GLN A 17 24.87 5.65 -2.82
N PRO A 18 25.67 4.77 -3.43
CA PRO A 18 25.18 4.06 -4.62
C PRO A 18 24.50 2.74 -4.23
N ALA A 19 23.81 2.11 -5.19
CA ALA A 19 23.14 0.84 -4.95
C ALA A 19 22.90 0.08 -6.26
N SER A 20 23.10 -1.23 -6.23
CA SER A 20 22.90 -2.04 -7.43
C SER A 20 22.05 -3.28 -7.13
N ILE A 21 21.12 -3.57 -8.04
CA ILE A 21 20.23 -4.72 -7.91
C ILE A 21 20.44 -5.62 -9.12
N SER A 22 20.53 -6.93 -8.91
CA SER A 22 20.75 -7.84 -10.02
C SER A 22 19.58 -8.80 -10.27
N CYS A 23 19.46 -9.23 -11.53
CA CYS A 23 18.41 -10.15 -11.96
C CYS A 23 19.01 -11.21 -12.88
N LYS A 24 18.74 -12.48 -12.57
CA LYS A 24 19.23 -13.57 -13.39
C LYS A 24 18.04 -14.23 -14.08
N SER A 25 18.27 -14.65 -15.32
CA SER A 25 17.22 -15.30 -16.10
C SER A 25 17.65 -16.73 -16.42
N SER A 26 16.67 -17.65 -16.46
CA SER A 26 16.94 -19.05 -16.77
C SER A 26 17.64 -19.18 -18.10
N GLN A 27 17.18 -18.39 -19.07
CA GLN A 27 17.75 -18.42 -20.42
C GLN A 27 18.03 -17.01 -20.92
N SER A 28 18.65 -16.90 -22.09
CA SER A 28 18.96 -15.60 -22.65
C SER A 28 17.70 -14.83 -23.01
N LEU A 29 17.74 -13.51 -22.84
CA LEU A 29 16.61 -12.67 -23.16
C LEU A 29 16.88 -11.98 -24.49
N LEU A 30 17.80 -12.56 -25.25
CA LEU A 30 18.15 -12.04 -26.56
C LEU A 30 17.22 -12.73 -27.54
N TYR A 31 16.44 -11.93 -28.27
CA TYR A 31 15.49 -12.45 -29.24
C TYR A 31 16.11 -12.58 -30.64
N SER A 32 15.37 -13.17 -31.57
CA SER A 32 15.85 -13.32 -32.96
C SER A 32 16.11 -11.88 -33.41
N ASN A 33 15.23 -11.00 -32.93
CA ASN A 33 15.32 -9.57 -33.18
C ASN A 33 16.61 -9.21 -32.43
N GLY A 34 17.43 -8.33 -32.99
CA GLY A 34 18.67 -7.99 -32.33
C GLY A 34 18.58 -7.53 -30.87
N LYS A 35 17.39 -7.13 -30.45
CA LYS A 35 17.17 -6.62 -29.10
C LYS A 35 16.78 -7.64 -28.00
N THR A 36 17.24 -7.36 -26.77
CA THR A 36 16.94 -8.18 -25.60
C THR A 36 15.86 -7.39 -24.84
N TYR A 37 14.70 -8.02 -24.61
CA TYR A 37 13.59 -7.35 -23.94
C TYR A 37 13.54 -7.48 -22.42
N LEU A 38 13.90 -6.40 -21.72
CA LEU A 38 13.89 -6.42 -20.26
C LEU A 38 13.63 -5.03 -19.69
N ASN A 39 12.66 -4.95 -18.76
CA ASN A 39 12.34 -3.68 -18.13
C ASN A 39 12.58 -3.70 -16.64
N TRP A 40 12.54 -2.52 -16.04
CA TRP A 40 12.68 -2.38 -14.60
C TRP A 40 11.49 -1.59 -14.11
N LEU A 41 10.85 -2.09 -13.06
CA LEU A 41 9.69 -1.44 -12.50
C LEU A 41 9.91 -1.00 -11.07
N LEU A 42 9.24 0.08 -10.69
CA LEU A 42 9.33 0.62 -9.33
C LEU A 42 7.94 0.78 -8.76
N GLN A 43 7.67 0.11 -7.65
CA GLN A 43 6.36 0.24 -7.04
C GLN A 43 6.48 0.92 -5.67
N LYS A 44 6.04 2.18 -5.60
CA LYS A 44 6.06 2.96 -4.37
C LYS A 44 5.03 2.34 -3.43
N PRO A 45 5.18 2.54 -2.12
CA PRO A 45 4.28 1.99 -1.10
C PRO A 45 2.78 1.94 -1.46
N GLY A 46 2.18 3.10 -1.71
CA GLY A 46 0.76 3.12 -2.04
C GLY A 46 0.43 3.47 -3.48
N GLN A 47 1.13 2.85 -4.42
CA GLN A 47 0.91 3.12 -5.83
C GLN A 47 0.92 1.85 -6.70
N SER A 48 0.84 2.07 -8.00
CA SER A 48 0.88 1.00 -8.99
C SER A 48 2.28 1.07 -9.62
N PRO A 49 2.74 -0.03 -10.22
CA PRO A 49 4.08 0.00 -10.83
C PRO A 49 4.23 1.06 -11.90
N LYS A 50 5.46 1.46 -12.13
CA LYS A 50 5.79 2.43 -13.15
C LYS A 50 7.08 1.95 -13.77
N ARG A 51 7.13 1.93 -15.09
CA ARG A 51 8.33 1.46 -15.79
C ARG A 51 9.40 2.52 -15.70
N LEU A 52 10.63 2.10 -15.41
CA LEU A 52 11.76 3.02 -15.29
C LEU A 52 12.72 2.82 -16.46
N ILE A 53 12.90 1.57 -16.85
CA ILE A 53 13.80 1.23 -17.94
C ILE A 53 13.27 0.06 -18.79
N TYR A 54 13.59 0.10 -20.08
CA TYR A 54 13.21 -0.97 -21.00
C TYR A 54 14.40 -1.23 -21.91
N LEU A 55 14.32 -2.29 -22.71
CA LEU A 55 15.43 -2.64 -23.60
C LEU A 55 16.75 -2.50 -22.84
N VAL A 56 16.80 -3.15 -21.68
CA VAL A 56 17.97 -3.17 -20.80
C VAL A 56 18.55 -1.86 -20.25
N SER A 57 18.60 -0.80 -21.05
CA SER A 57 19.17 0.45 -20.55
C SER A 57 18.51 1.75 -21.02
N LYS A 58 17.31 1.66 -21.57
CA LYS A 58 16.62 2.85 -22.03
C LYS A 58 15.72 3.45 -20.96
N LEU A 59 16.11 4.62 -20.46
CA LEU A 59 15.34 5.32 -19.44
C LEU A 59 14.03 5.87 -19.97
N ASP A 60 12.95 5.68 -19.22
CA ASP A 60 11.65 6.18 -19.64
C ASP A 60 11.67 7.69 -19.56
N SER A 61 10.53 8.31 -19.83
CA SER A 61 10.44 9.76 -19.79
C SER A 61 10.46 10.28 -18.35
N GLY A 62 11.09 11.43 -18.15
CA GLY A 62 11.16 12.03 -16.82
C GLY A 62 11.74 11.13 -15.75
N VAL A 63 12.82 10.42 -16.09
CA VAL A 63 13.47 9.52 -15.14
C VAL A 63 14.92 9.96 -14.90
N PRO A 64 15.22 10.42 -13.68
CA PRO A 64 16.55 10.89 -13.26
C PRO A 64 17.71 10.04 -13.77
N ASP A 65 18.76 10.70 -14.25
CA ASP A 65 19.93 10.01 -14.79
C ASP A 65 20.71 9.26 -13.73
N ARG A 66 20.15 9.14 -12.53
CA ARG A 66 20.80 8.43 -11.45
C ARG A 66 20.54 6.94 -11.67
N PHE A 67 19.55 6.64 -12.50
CA PHE A 67 19.17 5.28 -12.81
C PHE A 67 19.80 4.86 -14.14
N SER A 68 20.36 3.65 -14.16
CA SER A 68 20.99 3.11 -15.35
C SER A 68 20.96 1.59 -15.27
N GLY A 69 20.71 0.96 -16.42
CA GLY A 69 20.68 -0.48 -16.47
C GLY A 69 21.77 -1.03 -17.37
N SER A 70 22.15 -2.28 -17.13
CA SER A 70 23.18 -2.92 -17.93
C SER A 70 22.95 -4.41 -17.89
N GLY A 71 23.85 -5.16 -18.51
CA GLY A 71 23.72 -6.60 -18.53
C GLY A 71 23.94 -7.17 -19.92
N SER A 72 24.39 -8.41 -19.97
CA SER A 72 24.66 -9.08 -21.23
C SER A 72 23.49 -9.90 -21.75
N GLY A 73 23.34 -11.11 -21.22
CA GLY A 73 22.25 -11.96 -21.68
C GLY A 73 21.47 -12.70 -20.61
N THR A 74 22.14 -13.02 -19.50
CA THR A 74 21.45 -13.73 -18.42
C THR A 74 21.59 -12.99 -17.09
N ASP A 75 22.45 -11.97 -17.06
CA ASP A 75 22.68 -11.19 -15.86
C ASP A 75 22.49 -9.70 -16.09
N PHE A 76 21.55 -9.10 -15.36
CA PHE A 76 21.28 -7.67 -15.51
C PHE A 76 21.35 -6.96 -14.15
N THR A 77 21.69 -5.68 -14.17
CA THR A 77 21.78 -4.91 -12.94
C THR A 77 21.36 -3.46 -13.09
N LEU A 78 20.52 -3.01 -12.17
CA LEU A 78 20.03 -1.65 -12.14
C LEU A 78 20.95 -0.94 -11.16
N LYS A 79 21.41 0.26 -11.53
CA LYS A 79 22.29 1.00 -10.65
C LYS A 79 21.83 2.41 -10.37
N ILE A 80 21.79 2.75 -9.08
CA ILE A 80 21.39 4.08 -8.65
C ILE A 80 22.67 4.69 -8.07
N SER A 81 23.31 5.55 -8.87
CA SER A 81 24.55 6.19 -8.45
C SER A 81 24.42 7.00 -7.18
N ARG A 82 23.25 7.59 -6.97
CA ARG A 82 23.00 8.41 -5.79
C ARG A 82 21.58 8.14 -5.29
N VAL A 83 21.47 7.40 -4.20
CA VAL A 83 20.17 7.06 -3.62
C VAL A 83 19.55 8.27 -2.90
N GLU A 84 18.26 8.48 -3.13
CA GLU A 84 17.53 9.59 -2.52
C GLU A 84 16.27 9.13 -1.82
N ALA A 85 15.84 9.91 -0.82
CA ALA A 85 14.64 9.59 -0.07
C ALA A 85 13.52 9.04 -0.93
N GLU A 86 13.21 9.73 -2.04
CA GLU A 86 12.13 9.32 -2.94
C GLU A 86 12.34 8.01 -3.67
N ASP A 87 13.52 7.42 -3.55
CA ASP A 87 13.81 6.17 -4.22
C ASP A 87 13.37 4.93 -3.44
N VAL A 88 12.73 5.14 -2.30
CA VAL A 88 12.24 4.02 -1.50
C VAL A 88 11.13 3.34 -2.27
N GLY A 89 11.02 2.03 -2.09
CA GLY A 89 9.99 1.28 -2.76
C GLY A 89 10.50 -0.10 -3.11
N VAL A 90 9.81 -0.77 -4.03
CA VAL A 90 10.21 -2.09 -4.45
C VAL A 90 10.48 -2.08 -5.94
N TYR A 91 11.64 -2.60 -6.33
CA TYR A 91 12.02 -2.65 -7.74
C TYR A 91 11.87 -4.06 -8.30
N TYR A 92 11.35 -4.16 -9.53
CA TYR A 92 11.16 -5.45 -10.17
C TYR A 92 11.71 -5.47 -11.59
N CYS A 93 12.32 -6.58 -12.00
CA CYS A 93 12.78 -6.67 -13.37
C CYS A 93 11.75 -7.57 -14.07
N VAL A 94 11.43 -7.23 -15.32
CA VAL A 94 10.45 -8.01 -16.07
C VAL A 94 10.97 -8.48 -17.41
N GLN A 95 10.72 -9.74 -17.72
CA GLN A 95 11.14 -10.32 -18.97
C GLN A 95 10.07 -10.11 -20.05
N GLY A 96 10.53 -9.97 -21.29
CA GLY A 96 9.60 -9.78 -22.38
C GLY A 96 9.95 -10.53 -23.62
N THR A 97 11.14 -11.14 -23.66
CA THR A 97 11.57 -11.90 -24.82
C THR A 97 10.74 -13.17 -25.04
N HIS A 98 10.75 -14.07 -24.06
CA HIS A 98 10.00 -15.32 -24.15
C HIS A 98 8.55 -15.15 -23.74
N PHE A 99 7.82 -16.26 -23.70
CA PHE A 99 6.41 -16.25 -23.35
C PHE A 99 6.11 -17.20 -22.20
N PRO A 100 5.34 -16.74 -21.19
CA PRO A 100 4.80 -15.38 -21.12
C PRO A 100 5.75 -14.49 -20.35
N GLN A 101 5.50 -13.18 -20.36
CA GLN A 101 6.38 -12.27 -19.62
C GLN A 101 6.33 -12.65 -18.14
N THR A 102 7.49 -12.60 -17.50
CA THR A 102 7.56 -12.96 -16.09
C THR A 102 8.25 -11.87 -15.28
N PHE A 103 7.96 -11.81 -13.99
CA PHE A 103 8.51 -10.79 -13.10
C PHE A 103 9.46 -11.37 -12.07
N GLY A 104 10.42 -10.55 -11.64
CA GLY A 104 11.37 -10.96 -10.64
C GLY A 104 10.73 -10.87 -9.27
N GLY A 105 11.38 -11.44 -8.25
CA GLY A 105 10.84 -11.40 -6.90
C GLY A 105 10.69 -10.00 -6.34
N GLY A 106 11.61 -9.12 -6.71
CA GLY A 106 11.55 -7.75 -6.23
C GLY A 106 12.59 -7.46 -5.17
N THR A 107 13.05 -6.21 -5.14
CA THR A 107 14.04 -5.79 -4.16
C THR A 107 13.55 -4.55 -3.44
N LYS A 108 13.49 -4.66 -2.10
CA LYS A 108 13.04 -3.55 -1.29
C LYS A 108 14.21 -2.65 -0.92
N VAL A 109 14.09 -1.36 -1.24
CA VAL A 109 15.14 -0.39 -0.95
C VAL A 109 14.73 0.51 0.22
N GLU A 110 15.52 0.50 1.30
CA GLU A 110 15.28 1.33 2.48
C GLU A 110 16.37 2.42 2.62
N ILE A 111 15.96 3.65 2.91
CA ILE A 111 16.91 4.75 3.10
C ILE A 111 17.40 4.68 4.53
N LYS A 112 18.71 4.82 4.72
CA LYS A 112 19.26 4.77 6.07
C LYS A 112 19.67 6.15 6.51
N ARG A 113 18.79 6.85 7.21
CA ARG A 113 19.07 8.20 7.65
C ARG A 113 19.61 8.22 9.07
N THR A 114 19.76 9.41 9.65
CA THR A 114 20.24 9.53 11.02
C THR A 114 19.11 9.17 12.01
N VAL A 115 19.49 8.72 13.20
CA VAL A 115 18.47 8.33 14.15
C VAL A 115 17.64 9.53 14.59
N ALA A 116 16.35 9.29 14.86
CA ALA A 116 15.45 10.32 15.30
C ALA A 116 14.52 9.67 16.30
N ALA A 117 14.48 10.21 17.50
CA ALA A 117 13.63 9.68 18.53
C ALA A 117 12.18 10.00 18.16
N PRO A 118 11.24 9.11 18.51
CA PRO A 118 9.85 9.40 18.14
C PRO A 118 9.14 10.40 19.03
N SER A 119 8.19 11.12 18.45
CA SER A 119 7.36 12.03 19.25
C SER A 119 6.24 11.08 19.69
N VAL A 120 5.88 11.15 20.96
CA VAL A 120 4.85 10.25 21.47
C VAL A 120 3.55 10.94 21.85
N PHE A 121 2.45 10.44 21.30
CA PHE A 121 1.13 10.99 21.55
C PHE A 121 0.17 9.90 22.04
N ILE A 122 -0.82 10.28 22.84
CA ILE A 122 -1.79 9.30 23.32
C ILE A 122 -3.22 9.83 23.17
N PHE A 123 -4.13 8.97 22.73
CA PHE A 123 -5.52 9.35 22.53
C PHE A 123 -6.51 8.57 23.39
N PRO A 124 -7.31 9.28 24.19
CA PRO A 124 -8.29 8.59 25.03
C PRO A 124 -9.45 8.08 24.17
N PRO A 125 -10.23 7.11 24.69
CA PRO A 125 -11.36 6.58 23.93
C PRO A 125 -12.40 7.69 23.71
N SER A 126 -13.10 7.64 22.58
CA SER A 126 -14.13 8.64 22.33
C SER A 126 -15.41 8.20 23.04
N ASP A 127 -16.31 9.14 23.32
CA ASP A 127 -17.56 8.81 23.99
C ASP A 127 -18.37 7.84 23.14
N GLU A 128 -18.42 8.10 21.84
CA GLU A 128 -19.17 7.25 20.91
C GLU A 128 -18.81 5.79 21.12
N GLN A 129 -17.53 5.47 21.02
CA GLN A 129 -17.10 4.09 21.19
C GLN A 129 -17.46 3.57 22.59
N LEU A 130 -17.19 4.36 23.63
CA LEU A 130 -17.51 3.92 24.98
C LEU A 130 -19.00 3.58 25.07
N LYS A 131 -19.85 4.46 24.54
CA LYS A 131 -21.29 4.22 24.55
C LYS A 131 -21.68 2.93 23.85
N SER A 132 -20.81 2.43 22.97
CA SER A 132 -21.11 1.19 22.27
C SER A 132 -20.49 -0.05 22.93
N GLY A 133 -20.07 0.09 24.19
CA GLY A 133 -19.52 -1.05 24.90
C GLY A 133 -18.02 -1.29 24.93
N THR A 134 -17.31 -0.92 23.86
CA THR A 134 -15.88 -1.14 23.82
C THR A 134 -15.05 0.14 24.00
N ALA A 135 -13.79 -0.01 24.39
CA ALA A 135 -12.90 1.12 24.59
C ALA A 135 -11.48 0.84 24.09
N SER A 136 -11.00 1.62 23.14
CA SER A 136 -9.66 1.42 22.64
C SER A 136 -8.82 2.70 22.79
N VAL A 137 -7.68 2.55 23.46
CA VAL A 137 -6.75 3.66 23.71
C VAL A 137 -5.62 3.59 22.67
N VAL A 138 -5.33 4.71 22.02
CA VAL A 138 -4.28 4.68 21.01
C VAL A 138 -3.01 5.43 21.40
N CYS A 139 -1.87 4.87 21.04
CA CYS A 139 -0.58 5.48 21.30
C CYS A 139 0.05 5.70 19.91
N LEU A 140 0.59 6.89 19.69
CA LEU A 140 1.19 7.18 18.41
C LEU A 140 2.66 7.54 18.53
N LEU A 141 3.52 6.79 17.86
CA LEU A 141 4.95 7.09 17.84
C LEU A 141 5.05 7.69 16.46
N ASN A 142 5.41 8.97 16.41
CA ASN A 142 5.48 9.65 15.13
C ASN A 142 6.87 10.05 14.66
N ASN A 143 7.11 9.90 13.36
CA ASN A 143 8.35 10.27 12.68
C ASN A 143 9.67 9.87 13.31
N PHE A 144 9.92 8.58 13.41
CA PHE A 144 11.16 8.11 14.01
C PHE A 144 11.99 7.22 13.07
N TYR A 145 13.21 6.91 13.51
CA TYR A 145 14.14 6.06 12.77
C TYR A 145 15.31 5.74 13.69
N PRO A 146 15.79 4.49 13.68
CA PRO A 146 15.32 3.36 12.86
C PRO A 146 13.93 2.82 13.27
N ARG A 147 13.47 1.80 12.56
CA ARG A 147 12.16 1.22 12.78
C ARG A 147 11.90 0.46 14.07
N GLU A 148 12.85 -0.37 14.48
CA GLU A 148 12.66 -1.13 15.71
C GLU A 148 12.35 -0.17 16.85
N ALA A 149 11.20 -0.34 17.48
CA ALA A 149 10.79 0.50 18.60
C ALA A 149 10.05 -0.41 19.53
N LYS A 150 10.01 -0.06 20.81
CA LYS A 150 9.37 -0.91 21.79
C LYS A 150 8.32 -0.14 22.57
N VAL A 151 7.09 -0.63 22.57
CA VAL A 151 6.03 0.04 23.31
C VAL A 151 5.31 -0.97 24.19
N GLN A 152 5.04 -0.57 25.42
CA GLN A 152 4.35 -1.43 26.36
C GLN A 152 3.24 -0.64 27.01
N TRP A 153 2.16 -1.33 27.39
CA TRP A 153 1.06 -0.65 28.03
C TRP A 153 1.03 -0.92 29.52
N LYS A 154 0.86 0.13 30.30
CA LYS A 154 0.77 0.00 31.74
C LYS A 154 -0.56 0.59 32.19
N VAL A 155 -1.39 -0.23 32.81
CA VAL A 155 -2.66 0.25 33.35
C VAL A 155 -2.53 0.26 34.86
N ASP A 156 -2.56 1.46 35.43
CA ASP A 156 -2.40 1.65 36.86
C ASP A 156 -1.09 1.00 37.28
N ASN A 157 -0.07 1.18 36.45
CA ASN A 157 1.28 0.64 36.70
C ASN A 157 1.47 -0.87 36.51
N ALA A 158 0.42 -1.56 36.09
CA ALA A 158 0.53 -2.98 35.86
C ALA A 158 0.79 -3.20 34.37
N LEU A 159 1.93 -3.83 34.07
CA LEU A 159 2.29 -4.12 32.69
C LEU A 159 1.21 -4.97 32.06
N GLN A 160 0.79 -4.60 30.84
CA GLN A 160 -0.25 -5.32 30.12
C GLN A 160 0.31 -6.23 29.05
N SER A 161 -0.45 -7.27 28.73
CA SER A 161 -0.03 -8.20 27.68
C SER A 161 -1.30 -8.83 27.12
N GLY A 162 -1.28 -9.10 25.82
CA GLY A 162 -2.42 -9.72 25.17
C GLY A 162 -3.63 -8.87 24.80
N ASN A 163 -3.62 -7.57 25.07
CA ASN A 163 -4.79 -6.78 24.70
C ASN A 163 -4.53 -5.59 23.76
N SER A 164 -3.44 -5.66 23.01
CA SER A 164 -3.12 -4.57 22.10
C SER A 164 -2.55 -5.06 20.78
N GLN A 165 -2.62 -4.19 19.78
CA GLN A 165 -2.11 -4.49 18.46
C GLN A 165 -1.35 -3.28 17.93
N GLU A 166 -0.26 -3.53 17.22
CA GLU A 166 0.52 -2.44 16.64
C GLU A 166 0.71 -2.58 15.14
N SER A 167 0.80 -1.45 14.47
CA SER A 167 1.02 -1.43 13.04
C SER A 167 2.09 -0.36 12.78
N VAL A 168 2.96 -0.61 11.81
CA VAL A 168 4.03 0.32 11.44
C VAL A 168 3.83 0.72 9.99
N THR A 169 4.06 1.99 9.67
CA THR A 169 3.90 2.45 8.30
C THR A 169 5.10 2.06 7.45
N GLU A 170 5.01 2.38 6.16
CA GLU A 170 6.09 2.11 5.22
C GLU A 170 7.00 3.31 5.43
N GLN A 171 8.19 3.31 4.85
CA GLN A 171 9.07 4.45 5.07
C GLN A 171 8.62 5.69 4.31
N ASP A 172 8.52 6.80 5.02
CA ASP A 172 8.10 8.02 4.39
C ASP A 172 9.01 8.37 3.21
N SER A 173 8.41 8.86 2.13
CA SER A 173 9.12 9.22 0.90
C SER A 173 9.96 10.50 1.01
N LYS A 174 9.77 11.26 2.09
CA LYS A 174 10.51 12.50 2.30
C LYS A 174 11.54 12.47 3.42
N ASP A 175 11.08 12.50 4.67
CA ASP A 175 12.00 12.48 5.80
C ASP A 175 12.60 11.10 6.10
N SER A 176 12.15 10.08 5.39
CA SER A 176 12.64 8.72 5.59
C SER A 176 12.34 8.14 6.98
N THR A 177 11.29 8.63 7.62
CA THR A 177 10.91 8.14 8.94
C THR A 177 9.84 7.08 8.85
N TYR A 178 9.43 6.59 10.03
CA TYR A 178 8.37 5.59 10.16
C TYR A 178 7.46 6.16 11.22
N SER A 179 6.27 5.58 11.34
CA SER A 179 5.30 5.98 12.37
C SER A 179 4.68 4.67 12.82
N LEU A 180 4.35 4.60 14.09
CA LEU A 180 3.77 3.39 14.62
C LEU A 180 2.59 3.73 15.53
N SER A 181 1.57 2.87 15.50
CA SER A 181 0.41 3.06 16.35
C SER A 181 0.20 1.76 17.11
N SER A 182 -0.03 1.89 18.41
CA SER A 182 -0.29 0.75 19.26
C SER A 182 -1.72 0.97 19.78
N THR A 183 -2.58 -0.03 19.62
CA THR A 183 -3.94 0.14 20.09
C THR A 183 -4.35 -0.86 21.15
N LEU A 184 -4.59 -0.34 22.34
CA LEU A 184 -5.04 -1.15 23.47
C LEU A 184 -6.56 -1.11 23.43
N THR A 185 -7.19 -2.29 23.41
CA THR A 185 -8.64 -2.36 23.40
C THR A 185 -9.14 -3.16 24.59
N LEU A 186 -10.27 -2.74 25.13
CA LEU A 186 -10.87 -3.44 26.25
C LEU A 186 -12.33 -3.07 26.41
N SER A 187 -13.07 -3.91 27.13
CA SER A 187 -14.49 -3.68 27.36
C SER A 187 -14.68 -2.42 28.19
N LYS A 188 -15.83 -1.77 28.00
CA LYS A 188 -16.16 -0.56 28.75
C LYS A 188 -16.12 -0.89 30.24
N ALA A 189 -16.51 -2.11 30.56
CA ALA A 189 -16.49 -2.56 31.95
C ALA A 189 -15.06 -2.41 32.48
N ASP A 190 -14.11 -3.04 31.78
CA ASP A 190 -12.71 -3.00 32.15
C ASP A 190 -12.15 -1.58 32.19
N TYR A 191 -12.51 -0.77 31.21
CA TYR A 191 -12.01 0.60 31.15
C TYR A 191 -12.32 1.41 32.41
N GLU A 192 -13.56 1.35 32.88
CA GLU A 192 -13.97 2.10 34.07
C GLU A 192 -13.21 1.63 35.32
N LYS A 193 -12.94 0.34 35.39
CA LYS A 193 -12.25 -0.27 36.52
C LYS A 193 -10.83 0.26 36.83
N HIS A 194 -10.28 1.10 35.96
CA HIS A 194 -8.93 1.63 36.18
C HIS A 194 -8.80 3.15 35.96
N LYS A 195 -7.79 3.75 36.58
CA LYS A 195 -7.58 5.19 36.52
C LYS A 195 -6.49 5.76 35.59
N VAL A 196 -5.26 5.26 35.71
CA VAL A 196 -4.15 5.77 34.90
C VAL A 196 -3.71 4.84 33.77
N TYR A 197 -3.76 5.34 32.54
CA TYR A 197 -3.33 4.56 31.38
C TYR A 197 -2.07 5.15 30.78
N ALA A 198 -0.99 4.39 30.82
CA ALA A 198 0.29 4.87 30.31
C ALA A 198 0.84 4.05 29.15
N CYS A 199 1.50 4.75 28.24
CA CYS A 199 2.13 4.16 27.06
C CYS A 199 3.62 4.36 27.28
N GLU A 200 4.37 3.27 27.38
CA GLU A 200 5.81 3.38 27.60
C GLU A 200 6.60 3.02 26.36
N VAL A 201 7.41 3.97 25.89
CA VAL A 201 8.20 3.78 24.67
C VAL A 201 9.71 3.74 24.87
N THR A 202 10.33 2.85 24.12
CA THR A 202 11.76 2.64 24.14
C THR A 202 12.25 2.70 22.69
N HIS A 203 13.36 3.37 22.46
CA HIS A 203 13.90 3.49 21.11
C HIS A 203 15.37 3.92 21.17
N GLN A 204 16.13 3.54 20.16
CA GLN A 204 17.55 3.87 20.08
C GLN A 204 17.90 5.35 20.21
N GLY A 205 16.93 6.23 19.93
CA GLY A 205 17.17 7.65 20.01
C GLY A 205 16.86 8.25 21.36
N LEU A 206 16.45 7.41 22.31
CA LEU A 206 16.14 7.86 23.65
C LEU A 206 17.08 7.21 24.66
N SER A 207 17.55 8.00 25.62
CA SER A 207 18.45 7.51 26.66
C SER A 207 17.69 6.61 27.62
N SER A 208 16.54 7.10 28.06
CA SER A 208 15.68 6.36 28.97
C SER A 208 14.30 6.35 28.31
N PRO A 209 13.46 5.37 28.66
CA PRO A 209 12.11 5.23 28.10
C PRO A 209 11.22 6.43 28.35
N VAL A 210 10.42 6.80 27.36
CA VAL A 210 9.50 7.92 27.51
C VAL A 210 8.14 7.36 27.90
N THR A 211 7.32 8.18 28.55
CA THR A 211 6.00 7.74 28.98
C THR A 211 4.94 8.81 28.73
N LYS A 212 3.82 8.38 28.18
CA LYS A 212 2.70 9.29 27.92
C LYS A 212 1.50 8.64 28.61
N SER A 213 0.74 9.43 29.37
CA SER A 213 -0.39 8.85 30.06
C SER A 213 -1.44 9.88 30.39
N PHE A 214 -2.61 9.38 30.77
CA PHE A 214 -3.73 10.24 31.13
C PHE A 214 -4.51 9.53 32.22
N ASN A 215 -5.39 10.26 32.90
CA ASN A 215 -6.21 9.68 33.95
C ASN A 215 -7.61 9.56 33.40
N ARG A 216 -8.16 8.35 33.48
CA ARG A 216 -9.50 8.09 32.98
C ARG A 216 -10.46 9.18 33.41
N GLY A 217 -10.18 9.80 34.56
CA GLY A 217 -11.04 10.87 35.04
C GLY A 217 -11.26 11.93 33.98
N GLU A 218 -10.17 12.45 33.41
CA GLU A 218 -10.25 13.47 32.37
C GLU A 218 -10.20 12.86 30.96
N GLN B 1 -0.85 11.34 -22.52
CA GLN B 1 -1.74 11.39 -21.31
C GLN B 1 -2.56 10.11 -21.19
N VAL B 2 -1.89 8.97 -21.24
CA VAL B 2 -2.58 7.69 -21.12
C VAL B 2 -3.10 7.58 -19.68
N GLN B 3 -4.24 6.92 -19.51
CA GLN B 3 -4.83 6.77 -18.18
C GLN B 3 -5.83 5.61 -18.07
N LEU B 4 -5.64 4.78 -17.05
CA LEU B 4 -6.51 3.63 -16.81
C LEU B 4 -7.14 3.71 -15.42
N VAL B 5 -8.46 3.58 -15.37
CA VAL B 5 -9.18 3.64 -14.10
C VAL B 5 -9.99 2.36 -13.93
N GLN B 6 -9.75 1.64 -12.85
CA GLN B 6 -10.44 0.39 -12.60
C GLN B 6 -11.58 0.53 -11.61
N SER B 7 -12.34 -0.55 -11.44
CA SER B 7 -13.48 -0.58 -10.53
C SER B 7 -13.08 -0.90 -9.08
N GLY B 8 -13.94 -0.50 -8.15
CA GLY B 8 -13.67 -0.74 -6.74
C GLY B 8 -13.50 -2.18 -6.32
N ALA B 9 -13.02 -2.37 -5.09
CA ALA B 9 -12.80 -3.70 -4.55
C ALA B 9 -14.12 -4.44 -4.41
N GLU B 10 -14.04 -5.77 -4.41
CA GLU B 10 -15.22 -6.62 -4.30
C GLU B 10 -14.94 -7.90 -3.54
N VAL B 11 -15.98 -8.42 -2.89
CA VAL B 11 -15.90 -9.67 -2.15
C VAL B 11 -16.76 -10.68 -2.88
N VAL B 12 -16.34 -11.94 -2.88
CA VAL B 12 -17.11 -12.98 -3.56
C VAL B 12 -16.97 -14.29 -2.83
N LYS B 13 -18.07 -15.03 -2.71
CA LYS B 13 -18.07 -16.32 -2.04
C LYS B 13 -17.22 -17.28 -2.88
N PRO B 14 -16.64 -18.32 -2.25
CA PRO B 14 -15.83 -19.26 -3.04
C PRO B 14 -16.67 -19.92 -4.13
N GLY B 15 -16.06 -20.21 -5.26
CA GLY B 15 -16.80 -20.85 -6.33
C GLY B 15 -17.49 -19.91 -7.30
N ALA B 16 -17.85 -18.72 -6.84
CA ALA B 16 -18.51 -17.74 -7.70
C ALA B 16 -17.55 -17.16 -8.73
N SER B 17 -17.99 -16.10 -9.39
CA SER B 17 -17.18 -15.44 -10.39
C SER B 17 -17.31 -13.94 -10.20
N VAL B 18 -16.36 -13.18 -10.73
CA VAL B 18 -16.38 -11.73 -10.58
C VAL B 18 -15.99 -11.07 -11.88
N LYS B 19 -16.49 -9.86 -12.10
CA LYS B 19 -16.19 -9.12 -13.32
C LYS B 19 -15.54 -7.80 -12.94
N VAL B 20 -14.33 -7.60 -13.45
CA VAL B 20 -13.57 -6.37 -13.17
C VAL B 20 -13.38 -5.53 -14.43
N SER B 21 -13.72 -4.25 -14.34
CA SER B 21 -13.61 -3.32 -15.46
C SER B 21 -12.35 -2.46 -15.43
N CYS B 22 -12.07 -1.82 -16.56
CA CYS B 22 -10.90 -0.96 -16.71
C CYS B 22 -11.09 0.03 -17.86
N LYS B 23 -11.64 1.21 -17.56
CA LYS B 23 -11.86 2.24 -18.57
C LYS B 23 -10.52 2.81 -19.02
N ALA B 24 -10.38 3.05 -20.32
CA ALA B 24 -9.16 3.61 -20.87
C ALA B 24 -9.47 4.94 -21.54
N SER B 25 -8.45 5.75 -21.76
CA SER B 25 -8.63 7.05 -22.40
C SER B 25 -7.28 7.66 -22.76
N GLY B 26 -7.30 8.63 -23.67
CA GLY B 26 -6.06 9.27 -24.08
C GLY B 26 -5.23 8.46 -25.05
N TYR B 27 -5.82 7.45 -25.67
CA TYR B 27 -5.10 6.63 -26.64
C TYR B 27 -6.06 5.68 -27.37
N ALA B 28 -5.72 5.38 -28.63
CA ALA B 28 -6.54 4.50 -29.47
C ALA B 28 -6.79 3.17 -28.79
N PHE B 29 -7.91 3.10 -28.08
CA PHE B 29 -8.30 1.89 -27.35
C PHE B 29 -8.31 0.64 -28.24
N SER B 30 -9.12 0.68 -29.29
CA SER B 30 -9.25 -0.46 -30.21
C SER B 30 -8.09 -0.55 -31.18
N SER B 31 -6.88 -0.69 -30.65
CA SER B 31 -5.68 -0.78 -31.48
C SER B 31 -4.46 -1.11 -30.63
N SER B 32 -4.62 -1.00 -29.31
CA SER B 32 -3.54 -1.29 -28.38
C SER B 32 -3.86 -2.52 -27.56
N TRP B 33 -2.84 -3.33 -27.27
CA TRP B 33 -3.02 -4.52 -26.45
C TRP B 33 -3.29 -4.07 -25.02
N MET B 34 -4.10 -4.85 -24.31
CA MET B 34 -4.44 -4.57 -22.93
C MET B 34 -4.05 -5.78 -22.09
N ASN B 35 -2.99 -5.64 -21.31
CA ASN B 35 -2.52 -6.73 -20.46
C ASN B 35 -3.22 -6.72 -19.09
N TRP B 36 -3.29 -7.88 -18.45
CA TRP B 36 -3.88 -8.02 -17.12
C TRP B 36 -2.87 -8.76 -16.23
N VAL B 37 -2.65 -8.22 -15.03
CA VAL B 37 -1.69 -8.79 -14.10
C VAL B 37 -2.21 -8.97 -12.67
N ARG B 38 -1.76 -10.02 -12.01
CA ARG B 38 -2.14 -10.30 -10.65
C ARG B 38 -0.95 -10.12 -9.72
N GLN B 39 -1.19 -9.57 -8.53
CA GLN B 39 -0.12 -9.41 -7.55
C GLN B 39 -0.56 -10.07 -6.26
N ALA B 40 0.07 -11.19 -5.94
CA ALA B 40 -0.25 -11.95 -4.74
C ALA B 40 0.25 -11.25 -3.49
N PRO B 41 -0.40 -11.54 -2.34
CA PRO B 41 -0.05 -10.96 -1.03
C PRO B 41 1.44 -10.87 -0.78
N GLY B 42 2.08 -12.04 -0.69
CA GLY B 42 3.51 -12.12 -0.45
C GLY B 42 4.18 -12.62 -1.72
N GLN B 43 3.45 -13.42 -2.48
CA GLN B 43 3.93 -13.95 -3.75
C GLN B 43 3.93 -12.77 -4.72
N GLY B 44 4.79 -12.83 -5.74
CA GLY B 44 4.92 -11.72 -6.69
C GLY B 44 3.82 -11.36 -7.68
N LEU B 45 4.27 -10.87 -8.83
CA LEU B 45 3.40 -10.45 -9.92
C LEU B 45 3.34 -11.55 -10.99
N GLU B 46 2.14 -11.86 -11.46
CA GLU B 46 1.96 -12.88 -12.50
C GLU B 46 1.17 -12.33 -13.68
N TRP B 47 1.68 -12.56 -14.89
CA TRP B 47 0.98 -12.09 -16.08
C TRP B 47 -0.24 -13.00 -16.26
N ILE B 48 -1.38 -12.42 -16.60
CA ILE B 48 -2.61 -13.21 -16.79
C ILE B 48 -2.92 -13.43 -18.26
N GLY B 49 -3.05 -12.33 -18.99
CA GLY B 49 -3.36 -12.43 -20.40
C GLY B 49 -3.53 -11.07 -21.05
N ARG B 50 -3.95 -11.07 -22.32
CA ARG B 50 -4.15 -9.83 -23.05
C ARG B 50 -5.23 -9.95 -24.12
N ILE B 51 -5.93 -8.84 -24.34
CA ILE B 51 -7.00 -8.78 -25.30
C ILE B 51 -6.69 -7.64 -26.29
N TYR B 52 -7.12 -7.81 -27.53
CA TYR B 52 -6.91 -6.79 -28.57
C TYR B 52 -8.32 -6.37 -28.98
N PRO B 53 -8.83 -5.29 -28.37
CA PRO B 53 -10.17 -4.76 -28.65
C PRO B 53 -10.60 -4.79 -30.12
N GLY B 54 -9.64 -4.55 -31.02
CA GLY B 54 -9.94 -4.56 -32.44
C GLY B 54 -10.70 -5.80 -32.90
N ASP B 55 -10.00 -6.92 -33.04
CA ASP B 55 -10.62 -8.16 -33.46
C ASP B 55 -10.95 -9.06 -32.28
N GLY B 56 -10.89 -8.50 -31.08
CA GLY B 56 -11.19 -9.26 -29.86
C GLY B 56 -10.29 -10.46 -29.64
N ASP B 57 -9.11 -10.44 -30.25
CA ASP B 57 -8.17 -11.55 -30.12
C ASP B 57 -7.62 -11.59 -28.70
N THR B 58 -7.38 -12.79 -28.19
CA THR B 58 -6.89 -12.94 -26.82
C THR B 58 -5.88 -14.07 -26.62
N ASN B 59 -4.94 -13.81 -25.72
CA ASN B 59 -3.92 -14.80 -25.38
C ASN B 59 -4.01 -14.97 -23.87
N TYR B 60 -3.37 -16.01 -23.35
CA TYR B 60 -3.39 -16.27 -21.91
C TYR B 60 -2.17 -17.09 -21.53
N ALA B 61 -1.84 -17.09 -20.26
CA ALA B 61 -0.72 -17.90 -19.78
C ALA B 61 -1.42 -19.19 -19.36
N GLN B 62 -0.81 -20.33 -19.70
CA GLN B 62 -1.39 -21.63 -19.39
C GLN B 62 -2.19 -21.69 -18.09
N LYS B 63 -1.68 -21.06 -17.04
CA LYS B 63 -2.34 -21.06 -15.75
C LYS B 63 -3.77 -20.54 -15.74
N PHE B 64 -4.02 -19.43 -16.43
CA PHE B 64 -5.36 -18.85 -16.40
C PHE B 64 -6.26 -19.19 -17.58
N GLN B 65 -5.88 -20.19 -18.37
CA GLN B 65 -6.71 -20.60 -19.48
C GLN B 65 -7.94 -21.27 -18.88
N GLY B 66 -9.12 -20.77 -19.23
CA GLY B 66 -10.33 -21.36 -18.72
C GLY B 66 -10.78 -20.81 -17.37
N LYS B 67 -9.94 -19.99 -16.76
CA LYS B 67 -10.27 -19.40 -15.46
C LYS B 67 -10.57 -17.91 -15.64
N ALA B 68 -9.95 -17.30 -16.64
CA ALA B 68 -10.13 -15.87 -16.91
C ALA B 68 -10.56 -15.59 -18.35
N THR B 69 -11.63 -14.81 -18.51
CA THR B 69 -12.14 -14.45 -19.83
C THR B 69 -12.06 -12.94 -20.05
N LEU B 70 -11.30 -12.53 -21.06
CA LEU B 70 -11.14 -11.11 -21.37
C LEU B 70 -12.10 -10.68 -22.47
N THR B 71 -12.75 -9.54 -22.28
CA THR B 71 -13.70 -9.01 -23.25
C THR B 71 -13.59 -7.49 -23.28
N ALA B 72 -13.75 -6.89 -24.45
CA ALA B 72 -13.67 -5.45 -24.60
C ALA B 72 -14.95 -4.88 -25.20
N ASP B 73 -15.27 -3.65 -24.85
CA ASP B 73 -16.46 -2.99 -25.36
C ASP B 73 -16.04 -1.66 -25.98
N LYS B 74 -15.47 -1.72 -27.17
CA LYS B 74 -14.97 -0.53 -27.87
C LYS B 74 -15.94 0.65 -27.87
N SER B 75 -17.22 0.38 -27.65
CA SER B 75 -18.22 1.45 -27.64
C SER B 75 -17.97 2.43 -26.49
N THR B 76 -17.28 1.96 -25.46
CA THR B 76 -16.98 2.77 -24.28
C THR B 76 -15.51 2.70 -23.90
N SER B 77 -14.72 1.95 -24.68
CA SER B 77 -13.30 1.79 -24.40
C SER B 77 -13.15 1.22 -22.99
N THR B 78 -13.75 0.07 -22.75
CA THR B 78 -13.69 -0.54 -21.44
C THR B 78 -13.42 -2.03 -21.54
N ALA B 79 -12.16 -2.41 -21.37
CA ALA B 79 -11.78 -3.83 -21.41
C ALA B 79 -12.24 -4.44 -20.10
N TYR B 80 -12.74 -5.67 -20.14
CA TYR B 80 -13.20 -6.35 -18.93
C TYR B 80 -12.42 -7.64 -18.67
N MET B 81 -12.72 -8.24 -17.52
CA MET B 81 -12.11 -9.48 -17.09
C MET B 81 -13.06 -10.21 -16.15
N GLU B 82 -13.30 -11.48 -16.42
CA GLU B 82 -14.17 -12.28 -15.57
C GLU B 82 -13.36 -13.46 -15.06
N LEU B 83 -13.50 -13.77 -13.78
CA LEU B 83 -12.78 -14.89 -13.18
C LEU B 83 -13.77 -15.91 -12.66
N SER B 84 -13.63 -17.16 -13.13
CA SER B 84 -14.56 -18.22 -12.74
C SER B 84 -14.02 -19.15 -11.68
N SER B 85 -14.94 -19.91 -11.09
CA SER B 85 -14.64 -20.89 -10.04
C SER B 85 -13.51 -20.44 -9.11
N LEU B 86 -13.71 -19.27 -8.51
CA LEU B 86 -12.71 -18.70 -7.61
C LEU B 86 -12.54 -19.45 -6.29
N ARG B 87 -11.30 -19.48 -5.82
CA ARG B 87 -10.95 -20.12 -4.56
C ARG B 87 -10.44 -19.00 -3.64
N SER B 88 -10.28 -19.29 -2.36
CA SER B 88 -9.80 -18.30 -1.39
C SER B 88 -8.39 -17.82 -1.74
N GLU B 89 -7.61 -18.67 -2.41
CA GLU B 89 -6.24 -18.32 -2.78
C GLU B 89 -6.17 -17.36 -3.97
N ASP B 90 -7.31 -17.12 -4.62
CA ASP B 90 -7.34 -16.21 -5.75
C ASP B 90 -7.42 -14.77 -5.26
N THR B 91 -7.49 -14.60 -3.93
CA THR B 91 -7.56 -13.28 -3.34
C THR B 91 -6.30 -12.50 -3.72
N ALA B 92 -6.46 -11.32 -4.30
CA ALA B 92 -5.32 -10.54 -4.70
C ALA B 92 -5.71 -9.23 -5.35
N VAL B 93 -4.70 -8.52 -5.86
CA VAL B 93 -4.90 -7.26 -6.54
C VAL B 93 -4.69 -7.55 -8.02
N TYR B 94 -5.60 -7.08 -8.87
CA TYR B 94 -5.49 -7.31 -10.31
C TYR B 94 -5.38 -5.99 -11.03
N PHE B 95 -4.34 -5.84 -11.84
CA PHE B 95 -4.13 -4.61 -12.61
C PHE B 95 -4.35 -4.81 -14.10
N CYS B 96 -4.71 -3.71 -14.78
CA CYS B 96 -4.86 -3.73 -16.23
C CYS B 96 -3.74 -2.77 -16.66
N ALA B 97 -3.04 -3.05 -17.75
CA ALA B 97 -1.94 -2.17 -18.13
C ALA B 97 -1.48 -2.11 -19.58
N ARG B 98 -1.06 -0.91 -19.98
CA ARG B 98 -0.55 -0.60 -21.31
C ARG B 98 0.98 -0.65 -21.26
N GLU B 99 1.63 -0.95 -22.37
CA GLU B 99 3.09 -1.05 -22.36
C GLU B 99 3.81 -0.47 -23.58
N TYR B 100 3.26 0.58 -24.20
CA TYR B 100 3.94 1.11 -25.37
C TYR B 100 4.97 2.19 -25.04
N ASP B 101 4.88 3.35 -25.68
CA ASP B 101 5.84 4.41 -25.42
C ASP B 101 5.57 5.10 -24.07
N GLU B 102 4.36 4.91 -23.55
CA GLU B 102 3.96 5.49 -22.27
C GLU B 102 3.28 4.40 -21.43
N ALA B 103 4.10 3.61 -20.75
CA ALA B 103 3.57 2.54 -19.93
C ALA B 103 2.65 3.12 -18.86
N TYR B 104 1.66 2.35 -18.45
CA TYR B 104 0.71 2.80 -17.43
C TYR B 104 -0.10 1.63 -16.86
N TRP B 105 -0.31 1.67 -15.54
CA TRP B 105 -1.06 0.64 -14.85
C TRP B 105 -2.24 1.26 -14.10
N GLY B 106 -3.36 0.54 -14.05
CA GLY B 106 -4.51 1.04 -13.33
C GLY B 106 -4.13 0.99 -11.87
N GLN B 107 -4.98 1.54 -11.00
CA GLN B 107 -4.66 1.51 -9.58
C GLN B 107 -4.93 0.15 -8.95
N GLY B 108 -5.35 -0.80 -9.78
CA GLY B 108 -5.62 -2.14 -9.29
C GLY B 108 -6.90 -2.33 -8.52
N THR B 109 -7.43 -3.55 -8.58
CA THR B 109 -8.66 -3.89 -7.90
C THR B 109 -8.39 -5.06 -6.95
N LEU B 110 -8.82 -4.94 -5.70
CA LEU B 110 -8.62 -6.00 -4.72
C LEU B 110 -9.81 -6.93 -4.67
N VAL B 111 -9.60 -8.17 -5.07
CA VAL B 111 -10.67 -9.12 -5.07
C VAL B 111 -10.46 -10.12 -3.93
N THR B 112 -11.35 -10.06 -2.95
CA THR B 112 -11.27 -10.96 -1.81
C THR B 112 -12.28 -12.09 -1.99
N VAL B 113 -11.78 -13.31 -2.13
CA VAL B 113 -12.67 -14.46 -2.28
C VAL B 113 -12.79 -15.03 -0.86
N SER B 114 -13.95 -14.85 -0.25
CA SER B 114 -14.17 -15.30 1.11
C SER B 114 -15.60 -15.68 1.41
N SER B 115 -15.76 -16.60 2.36
CA SER B 115 -17.08 -17.07 2.78
C SER B 115 -17.65 -16.13 3.83
N ALA B 116 -16.77 -15.37 4.47
CA ALA B 116 -17.19 -14.41 5.50
C ALA B 116 -18.08 -13.34 4.88
N SER B 117 -18.87 -12.69 5.71
CA SER B 117 -19.78 -11.66 5.24
C SER B 117 -19.20 -10.25 5.32
N THR B 118 -19.56 -9.44 4.33
CA THR B 118 -19.11 -8.06 4.26
C THR B 118 -19.71 -7.26 5.42
N LYS B 119 -18.91 -6.44 6.06
CA LYS B 119 -19.39 -5.61 7.15
C LYS B 119 -18.82 -4.21 7.04
N GLY B 120 -19.66 -3.21 7.28
CA GLY B 120 -19.23 -1.83 7.21
C GLY B 120 -18.50 -1.49 8.49
N PRO B 121 -17.54 -0.56 8.43
CA PRO B 121 -16.77 -0.16 9.62
C PRO B 121 -17.39 0.93 10.47
N SER B 122 -16.98 0.96 11.74
CA SER B 122 -17.42 1.98 12.66
C SER B 122 -16.23 2.96 12.75
N VAL B 123 -16.52 4.25 12.67
CA VAL B 123 -15.50 5.28 12.70
C VAL B 123 -15.56 6.11 13.98
N PHE B 124 -14.48 6.09 14.75
CA PHE B 124 -14.41 6.86 15.99
C PHE B 124 -13.32 7.92 15.86
N PRO B 125 -13.53 9.10 16.46
CA PRO B 125 -12.53 10.17 16.37
C PRO B 125 -11.39 10.05 17.36
N LEU B 126 -10.20 10.41 16.92
CA LEU B 126 -9.03 10.42 17.80
C LEU B 126 -8.87 11.92 18.07
N ALA B 127 -9.38 12.34 19.22
CA ALA B 127 -9.40 13.75 19.59
C ALA B 127 -8.14 14.43 20.09
N PRO B 128 -7.85 15.62 19.54
CA PRO B 128 -6.68 16.41 19.93
C PRO B 128 -6.88 16.84 21.38
N SER B 129 -5.84 16.73 22.20
CA SER B 129 -5.93 17.16 23.59
C SER B 129 -4.54 17.58 24.02
N SER B 130 -4.37 17.90 25.29
CA SER B 130 -3.07 18.29 25.79
C SER B 130 -2.13 17.08 25.73
N LYS B 131 -2.68 15.90 25.45
CA LYS B 131 -1.88 14.70 25.41
C LYS B 131 -1.35 14.37 24.03
N SER B 132 -1.81 15.09 23.01
CA SER B 132 -1.36 14.87 21.65
C SER B 132 -0.80 16.14 21.00
N THR B 133 -0.32 17.06 21.84
CA THR B 133 0.26 18.31 21.33
C THR B 133 1.73 18.44 21.74
N SER B 134 2.62 18.35 20.77
CA SER B 134 4.05 18.46 21.00
C SER B 134 4.48 19.92 21.12
N GLY B 135 5.35 20.37 20.24
CA GLY B 135 5.80 21.75 20.30
C GLY B 135 5.19 22.60 19.21
N GLY B 136 3.95 23.02 19.41
CA GLY B 136 3.28 23.85 18.43
C GLY B 136 2.51 23.03 17.42
N THR B 137 2.60 21.71 17.50
CA THR B 137 1.85 20.87 16.57
C THR B 137 0.90 19.96 17.33
N ALA B 138 -0.15 19.52 16.67
CA ALA B 138 -1.11 18.66 17.35
C ALA B 138 -1.45 17.48 16.48
N ALA B 139 -1.65 16.34 17.11
CA ALA B 139 -2.00 15.14 16.37
C ALA B 139 -3.46 14.79 16.62
N LEU B 140 -4.17 14.49 15.55
CA LEU B 140 -5.58 14.10 15.62
C LEU B 140 -5.74 13.01 14.56
N GLY B 141 -6.87 12.30 14.59
CA GLY B 141 -7.08 11.26 13.61
C GLY B 141 -8.41 10.53 13.76
N CYS B 142 -8.56 9.48 12.97
CA CYS B 142 -9.77 8.68 12.99
C CYS B 142 -9.46 7.22 13.16
N LEU B 143 -10.32 6.53 13.91
CA LEU B 143 -10.15 5.10 14.14
C LEU B 143 -11.25 4.35 13.39
N VAL B 144 -10.88 3.64 12.33
CA VAL B 144 -11.83 2.86 11.54
C VAL B 144 -11.74 1.42 12.05
N LYS B 145 -12.70 1.04 12.89
CA LYS B 145 -12.72 -0.28 13.52
C LYS B 145 -13.78 -1.28 13.05
N ASP B 146 -13.46 -2.56 13.23
CA ASP B 146 -14.33 -3.68 12.89
C ASP B 146 -14.96 -3.76 11.50
N TYR B 147 -14.15 -3.93 10.47
CA TYR B 147 -14.71 -4.03 9.13
C TYR B 147 -14.17 -5.25 8.39
N PHE B 148 -14.84 -5.65 7.31
CA PHE B 148 -14.43 -6.79 6.50
C PHE B 148 -15.08 -6.69 5.12
N PRO B 149 -14.29 -6.87 4.05
CA PRO B 149 -12.86 -7.16 4.05
C PRO B 149 -12.17 -5.86 3.67
N GLU B 150 -10.91 -5.96 3.25
CA GLU B 150 -10.18 -4.78 2.85
C GLU B 150 -10.57 -4.43 1.41
N PRO B 151 -10.29 -3.19 0.98
CA PRO B 151 -9.61 -2.18 1.77
C PRO B 151 -10.58 -1.06 2.10
N VAL B 152 -10.06 -0.05 2.79
CA VAL B 152 -10.83 1.11 3.17
C VAL B 152 -9.91 2.30 2.89
N THR B 153 -10.40 3.26 2.10
CA THR B 153 -9.60 4.44 1.79
C THR B 153 -10.00 5.57 2.72
N VAL B 154 -9.04 6.38 3.12
CA VAL B 154 -9.31 7.50 4.02
C VAL B 154 -8.66 8.77 3.51
N SER B 155 -9.42 9.85 3.46
CA SER B 155 -8.90 11.12 3.01
C SER B 155 -9.31 12.14 4.06
N TRP B 156 -8.61 13.26 4.13
CA TRP B 156 -8.96 14.30 5.09
C TRP B 156 -9.47 15.51 4.32
N ASN B 157 -10.52 16.14 4.84
CA ASN B 157 -11.11 17.32 4.20
C ASN B 157 -11.28 17.15 2.70
N SER B 158 -11.77 15.98 2.32
CA SER B 158 -12.03 15.65 0.91
C SER B 158 -10.81 15.70 -0.01
N GLY B 159 -9.62 15.43 0.54
CA GLY B 159 -8.44 15.43 -0.31
C GLY B 159 -7.65 16.72 -0.31
N ALA B 160 -8.17 17.73 0.38
CA ALA B 160 -7.46 19.00 0.45
C ALA B 160 -6.33 18.92 1.48
N LEU B 161 -6.44 18.00 2.43
CA LEU B 161 -5.42 17.83 3.46
C LEU B 161 -4.68 16.50 3.30
N THR B 162 -3.42 16.56 2.86
CA THR B 162 -2.62 15.35 2.65
C THR B 162 -1.28 15.44 3.34
N SER B 163 -0.82 16.66 3.56
CA SER B 163 0.46 16.87 4.24
C SER B 163 0.39 16.47 5.71
N GLY B 164 1.35 15.66 6.14
CA GLY B 164 1.40 15.21 7.52
C GLY B 164 0.46 14.06 7.82
N VAL B 165 -0.09 13.41 6.79
CA VAL B 165 -1.02 12.31 6.99
C VAL B 165 -0.41 10.91 6.93
N HIS B 166 -0.74 10.09 7.93
CA HIS B 166 -0.26 8.72 7.99
C HIS B 166 -1.44 7.79 8.21
N THR B 167 -1.71 6.92 7.24
CA THR B 167 -2.80 5.97 7.37
C THR B 167 -2.14 4.60 7.51
N PHE B 168 -2.19 4.08 8.72
CA PHE B 168 -1.58 2.81 9.05
C PHE B 168 -2.19 1.60 8.38
N PRO B 169 -1.37 0.58 8.12
CA PRO B 169 -1.85 -0.65 7.51
C PRO B 169 -2.84 -1.30 8.47
N ALA B 170 -3.73 -2.12 7.94
CA ALA B 170 -4.74 -2.80 8.75
C ALA B 170 -4.14 -3.91 9.60
N VAL B 171 -4.75 -4.14 10.76
CA VAL B 171 -4.32 -5.21 11.64
C VAL B 171 -5.53 -6.15 11.73
N LEU B 172 -5.28 -7.45 11.86
CA LEU B 172 -6.37 -8.40 11.96
C LEU B 172 -6.71 -8.65 13.43
N GLN B 173 -7.97 -8.45 13.79
CA GLN B 173 -8.42 -8.66 15.16
C GLN B 173 -8.84 -10.11 15.36
N SER B 174 -8.82 -10.55 16.62
CA SER B 174 -9.19 -11.93 16.97
C SER B 174 -10.56 -12.25 16.39
N SER B 175 -11.46 -11.26 16.41
CA SER B 175 -12.81 -11.44 15.90
C SER B 175 -12.84 -11.66 14.40
N GLY B 176 -11.66 -11.66 13.77
CA GLY B 176 -11.58 -11.85 12.33
C GLY B 176 -11.93 -10.59 11.55
N LEU B 177 -12.03 -9.47 12.27
CA LEU B 177 -12.35 -8.19 11.64
C LEU B 177 -11.14 -7.23 11.65
N TYR B 178 -10.99 -6.48 10.56
CA TYR B 178 -9.89 -5.53 10.42
C TYR B 178 -10.12 -4.26 11.18
N SER B 179 -9.05 -3.52 11.39
CA SER B 179 -9.09 -2.25 12.09
C SER B 179 -7.86 -1.43 11.73
N LEU B 180 -8.06 -0.15 11.40
CA LEU B 180 -6.92 0.68 11.08
C LEU B 180 -7.12 2.08 11.61
N SER B 181 -6.05 2.86 11.63
CA SER B 181 -6.11 4.23 12.11
C SER B 181 -5.51 5.16 11.08
N SER B 182 -5.90 6.43 11.13
CA SER B 182 -5.35 7.42 10.22
C SER B 182 -5.11 8.66 11.06
N VAL B 183 -3.94 9.27 10.93
CA VAL B 183 -3.64 10.48 11.71
C VAL B 183 -2.99 11.58 10.90
N VAL B 184 -3.03 12.80 11.44
CA VAL B 184 -2.47 13.97 10.80
C VAL B 184 -1.91 14.83 11.91
N THR B 185 -1.01 15.72 11.53
CA THR B 185 -0.41 16.67 12.46
C THR B 185 -0.66 18.03 11.83
N VAL B 186 -1.16 18.95 12.64
CA VAL B 186 -1.48 20.31 12.19
C VAL B 186 -0.98 21.31 13.22
N PRO B 187 -1.15 22.62 12.95
CA PRO B 187 -0.71 23.64 13.89
C PRO B 187 -1.62 23.65 15.10
N SER B 188 -1.04 23.68 16.30
CA SER B 188 -1.84 23.70 17.52
C SER B 188 -2.73 24.93 17.50
N SER B 189 -2.18 26.02 17.00
CA SER B 189 -2.84 27.32 16.91
C SER B 189 -4.07 27.37 16.01
N SER B 190 -4.24 26.36 15.17
CA SER B 190 -5.37 26.33 14.25
C SER B 190 -6.55 25.45 14.72
N LEU B 191 -6.41 24.82 15.88
CA LEU B 191 -7.46 23.94 16.37
C LEU B 191 -8.83 24.59 16.58
N GLY B 192 -8.86 25.92 16.73
CA GLY B 192 -10.14 26.57 16.94
C GLY B 192 -10.70 27.32 15.75
N THR B 193 -10.06 27.17 14.59
CA THR B 193 -10.52 27.88 13.41
C THR B 193 -10.58 27.03 12.15
N GLN B 194 -9.77 25.97 12.09
CA GLN B 194 -9.80 25.12 10.92
C GLN B 194 -10.71 23.93 11.24
N THR B 195 -11.15 23.23 10.20
CA THR B 195 -12.04 22.09 10.40
C THR B 195 -11.40 20.80 9.90
N TYR B 196 -11.45 19.78 10.75
CA TYR B 196 -10.86 18.50 10.39
C TYR B 196 -11.88 17.36 10.30
N ILE B 197 -12.08 16.87 9.07
CA ILE B 197 -13.03 15.82 8.80
C ILE B 197 -12.35 14.68 8.04
N CYS B 198 -12.56 13.45 8.48
CA CYS B 198 -11.98 12.31 7.78
C CYS B 198 -13.06 11.62 6.95
N ASN B 199 -12.78 11.42 5.68
CA ASN B 199 -13.72 10.77 4.78
C ASN B 199 -13.30 9.32 4.65
N VAL B 200 -14.17 8.44 5.10
CA VAL B 200 -13.93 7.02 5.09
C VAL B 200 -14.83 6.33 4.08
N ASN B 201 -14.22 5.58 3.17
CA ASN B 201 -14.97 4.87 2.16
C ASN B 201 -14.66 3.37 2.20
N HIS B 202 -15.71 2.55 2.23
CA HIS B 202 -15.54 1.09 2.23
C HIS B 202 -16.42 0.50 1.12
N LYS B 203 -15.92 0.50 -0.11
CA LYS B 203 -16.66 -0.03 -1.27
C LYS B 203 -17.43 -1.33 -1.05
N PRO B 204 -16.72 -2.41 -0.68
CA PRO B 204 -17.36 -3.71 -0.45
C PRO B 204 -18.71 -3.64 0.25
N SER B 205 -18.85 -2.72 1.20
CA SER B 205 -20.10 -2.57 1.95
C SER B 205 -20.84 -1.28 1.60
N ASN B 206 -20.41 -0.61 0.54
CA ASN B 206 -21.02 0.64 0.12
C ASN B 206 -21.16 1.66 1.26
N THR B 207 -20.20 1.65 2.18
CA THR B 207 -20.21 2.60 3.30
C THR B 207 -19.37 3.84 2.96
N LYS B 208 -19.90 5.00 3.34
CA LYS B 208 -19.27 6.29 3.12
C LYS B 208 -19.60 7.02 4.40
N VAL B 209 -18.58 7.37 5.18
CA VAL B 209 -18.78 8.04 6.45
C VAL B 209 -17.92 9.29 6.56
N ASP B 210 -18.45 10.33 7.20
CA ASP B 210 -17.73 11.59 7.41
C ASP B 210 -17.76 11.95 8.88
N LYS B 211 -16.58 12.07 9.48
CA LYS B 211 -16.48 12.41 10.89
C LYS B 211 -15.67 13.70 11.12
N LYS B 212 -16.25 14.62 11.89
CA LYS B 212 -15.60 15.88 12.22
C LYS B 212 -14.83 15.60 13.51
N VAL B 213 -13.57 16.02 13.56
CA VAL B 213 -12.74 15.76 14.73
C VAL B 213 -12.49 17.07 15.49
N GLU B 214 -13.21 17.23 16.60
CA GLU B 214 -13.09 18.42 17.41
C GLU B 214 -12.12 18.13 18.55
N PRO B 215 -11.49 19.16 19.11
CA PRO B 215 -10.55 18.93 20.21
C PRO B 215 -11.22 18.46 21.51
N LYS B 216 -10.43 18.35 22.57
CA LYS B 216 -10.93 17.92 23.88
C LYS B 216 -10.01 18.48 24.97
N SER B 217 -10.00 17.84 26.14
CA SER B 217 -9.17 18.26 27.26
C SER B 217 -8.92 17.07 28.19
N CYS B 218 -7.78 17.09 28.87
CA CYS B 218 -7.42 16.01 29.80
C CYS B 218 -6.79 16.56 31.08
N ALA C 1 10.68 -8.86 -35.38
CA ALA C 1 10.40 -8.23 -34.06
C ALA C 1 9.68 -9.20 -33.13
N ASN C 2 9.84 -9.00 -31.82
CA ASN C 2 9.22 -9.89 -30.85
C ASN C 2 7.73 -10.14 -31.11
N SER C 3 7.38 -11.42 -31.20
CA SER C 3 6.00 -11.85 -31.45
C SER C 3 5.39 -12.41 -30.18
N ASN C 4 6.22 -12.70 -29.19
CA ASN C 4 5.73 -13.22 -27.92
C ASN C 4 5.03 -12.12 -27.12
N ASN C 5 5.50 -10.89 -27.30
CA ASN C 5 4.92 -9.74 -26.61
C ASN C 5 4.99 -8.50 -27.50
N PRO C 6 4.26 -8.51 -28.62
CA PRO C 6 4.23 -7.41 -29.58
C PRO C 6 4.24 -5.98 -29.00
N ASP C 7 3.39 -5.72 -28.00
CA ASP C 7 3.31 -4.38 -27.41
C ASP C 7 4.60 -3.89 -26.75
N TRP C 8 5.68 -4.65 -26.89
CA TRP C 8 6.96 -4.27 -26.33
C TRP C 8 7.82 -3.58 -27.39
N ASP C 9 7.21 -3.27 -28.54
CA ASP C 9 7.89 -2.60 -29.65
C ASP C 9 7.20 -1.25 -29.88
N PHE C 10 7.95 -0.16 -29.72
CA PHE C 10 7.38 1.19 -29.88
C PHE C 10 8.38 2.29 -30.27
#